data_9GRT
#
_entry.id   9GRT
#
_cell.length_a   41.144
_cell.length_b   41.633
_cell.length_c   157.277
_cell.angle_alpha   90.00
_cell.angle_beta   90.00
_cell.angle_gamma   90.00
#
_symmetry.space_group_name_H-M   'P 21 21 21'
#
loop_
_entity.id
_entity.type
_entity.pdbx_description
1 polymer 'Hepatoma-derived growth factor-related protein 2'
2 non-polymer 4-bromo-1H-pyrazole
3 non-polymer 'SULFATE ION'
4 non-polymer 'DIMETHYL SULFOXIDE'
5 water water
#
_entity_poly.entity_id   1
_entity_poly.type   'polypeptide(L)'
_entity_poly.pdbx_seq_one_letter_code
;GMPHAFKPGDLVFAKMKGYPHWPARIDDIADGAVKPPPNKYPIFFFGTHETAFLGPKDLFPYDKCKDKYGKPNKRKGFNE
GLWEIQNNPHASYS
;
_entity_poly.pdbx_strand_id   A,B,C
#
loop_
_chem_comp.id
_chem_comp.type
_chem_comp.name
_chem_comp.formula
BYZ non-polymer 4-bromo-1H-pyrazole 'C3 H3 Br N2'
DMS non-polymer 'DIMETHYL SULFOXIDE' 'C2 H6 O S'
SO4 non-polymer 'SULFATE ION' 'O4 S -2'
#
# COMPACT_ATOMS: atom_id res chain seq x y z
N MET A 2 -12.16 -8.78 -24.32
CA MET A 2 -11.13 -7.85 -24.76
C MET A 2 -10.61 -7.01 -23.59
N PRO A 3 -9.35 -6.60 -23.67
CA PRO A 3 -8.75 -5.84 -22.56
C PRO A 3 -9.36 -4.45 -22.43
N HIS A 4 -9.38 -3.99 -21.18
CA HIS A 4 -9.77 -2.63 -20.86
C HIS A 4 -8.53 -1.81 -20.55
N ALA A 5 -8.73 -0.50 -20.44
CA ALA A 5 -7.65 0.34 -19.92
C ALA A 5 -7.31 -0.09 -18.50
N PHE A 6 -6.10 0.23 -18.07
CA PHE A 6 -5.72 -0.01 -16.70
C PHE A 6 -6.53 0.86 -15.75
N LYS A 7 -6.77 0.34 -14.55
CA LYS A 7 -7.50 1.03 -13.51
C LYS A 7 -6.82 0.78 -12.18
N PRO A 8 -7.03 1.67 -11.20
CA PRO A 8 -6.48 1.47 -9.86
C PRO A 8 -6.86 0.12 -9.28
N GLY A 9 -5.89 -0.54 -8.65
CA GLY A 9 -6.03 -1.87 -8.14
C GLY A 9 -5.53 -2.96 -9.08
N ASP A 10 -5.38 -2.69 -10.38
CA ASP A 10 -4.86 -3.71 -11.29
C ASP A 10 -3.45 -4.13 -10.87
N LEU A 11 -3.18 -5.44 -10.94
CA LEU A 11 -1.87 -5.96 -10.54
C LEU A 11 -1.04 -6.23 -11.78
N VAL A 12 0.24 -5.83 -11.73
CA VAL A 12 1.10 -5.87 -12.89
C VAL A 12 2.49 -6.32 -12.48
N PHE A 13 3.28 -6.67 -13.48
CA PHE A 13 4.72 -6.51 -13.38
C PHE A 13 5.07 -5.23 -14.13
N ALA A 14 5.85 -4.37 -13.49
CA ALA A 14 6.20 -3.09 -14.08
C ALA A 14 7.69 -3.08 -14.36
N LYS A 15 8.06 -2.59 -15.54
CA LYS A 15 9.46 -2.65 -15.99
C LYS A 15 10.07 -1.25 -15.96
N MET A 16 11.16 -1.11 -15.21
CA MET A 16 11.97 0.09 -15.22
C MET A 16 13.38 -0.27 -15.64
N LYS A 17 14.02 0.67 -16.34
CA LYS A 17 15.40 0.46 -16.80
C LYS A 17 16.29 0.07 -15.65
N GLY A 18 17.15 -0.93 -15.87
CA GLY A 18 18.03 -1.45 -14.87
C GLY A 18 17.38 -2.39 -13.89
N TYR A 19 16.07 -2.62 -13.98
CA TYR A 19 15.40 -3.47 -13.02
C TYR A 19 14.68 -4.61 -13.73
N PRO A 20 14.57 -5.76 -13.09
CA PRO A 20 13.73 -6.81 -13.65
C PRO A 20 12.26 -6.40 -13.55
N HIS A 21 11.44 -7.03 -14.39
CA HIS A 21 9.99 -6.85 -14.28
C HIS A 21 9.55 -7.10 -12.85
N TRP A 22 8.85 -6.11 -12.25
CA TRP A 22 8.75 -6.05 -10.79
C TRP A 22 7.29 -6.10 -10.35
N PRO A 23 6.95 -6.90 -9.34
CA PRO A 23 5.55 -6.96 -8.89
C PRO A 23 5.09 -5.60 -8.39
N ALA A 24 3.95 -5.15 -8.92
CA ALA A 24 3.46 -3.81 -8.61
C ALA A 24 1.94 -3.74 -8.79
N ARG A 25 1.37 -2.61 -8.41
CA ARG A 25 -0.05 -2.34 -8.67
C ARG A 25 -0.22 -0.92 -9.19
N ILE A 26 -1.33 -0.72 -9.88
CA ILE A 26 -1.83 0.63 -10.17
C ILE A 26 -2.42 1.19 -8.89
N ASP A 27 -1.85 2.27 -8.39
CA ASP A 27 -2.38 2.89 -7.19
C ASP A 27 -3.56 3.80 -7.53
N ASP A 28 -4.36 4.08 -6.51
CA ASP A 28 -5.26 5.21 -6.59
C ASP A 28 -4.45 6.47 -6.31
N ILE A 29 -5.08 7.61 -6.57
CA ILE A 29 -4.51 8.89 -6.18
C ILE A 29 -5.37 9.42 -5.04
N ALA A 30 -4.76 9.60 -3.88
CA ALA A 30 -5.52 10.11 -2.74
C ALA A 30 -5.94 11.55 -3.00
N ASP A 31 -7.06 11.93 -2.37
CA ASP A 31 -7.49 13.33 -2.42
C ASP A 31 -6.36 14.23 -1.95
N GLY A 32 -6.03 15.25 -2.74
CA GLY A 32 -4.97 16.16 -2.37
C GLY A 32 -3.56 15.67 -2.65
N ALA A 33 -3.41 14.46 -3.16
CA ALA A 33 -2.08 13.93 -3.47
C ALA A 33 -1.66 14.34 -4.87
N VAL A 34 -0.35 14.27 -5.12
CA VAL A 34 0.19 14.65 -6.43
C VAL A 34 -0.31 13.70 -7.51
N LYS A 35 -0.80 14.25 -8.58
CA LYS A 35 -1.27 13.54 -9.76
C LYS A 35 -0.10 13.23 -10.70
N PRO A 36 -0.21 12.15 -11.47
CA PRO A 36 0.84 11.83 -12.42
C PRO A 36 0.72 12.68 -13.67
N PRO A 37 1.75 12.69 -14.52
CA PRO A 37 1.65 13.35 -15.82
C PRO A 37 0.56 12.72 -16.69
N PRO A 38 0.21 13.35 -17.81
CA PRO A 38 -0.82 12.78 -18.69
C PRO A 38 -0.42 11.41 -19.24
N ASN A 39 -1.40 10.52 -19.30
CA ASN A 39 -1.23 9.16 -19.83
C ASN A 39 -0.23 8.35 -19.03
N LYS A 40 0.05 8.75 -17.80
CA LYS A 40 0.84 7.94 -16.89
C LYS A 40 -0.03 7.51 -15.70
N TYR A 41 0.42 6.44 -15.03
CA TYR A 41 -0.25 5.88 -13.89
C TYR A 41 0.68 5.87 -12.68
N PRO A 42 0.15 6.04 -11.48
CA PRO A 42 1.00 5.87 -10.28
C PRO A 42 1.19 4.37 -10.03
N ILE A 43 2.44 3.92 -10.06
CA ILE A 43 2.74 2.50 -9.93
C ILE A 43 3.39 2.29 -8.58
N PHE A 44 2.74 1.51 -7.73
CA PHE A 44 3.29 1.18 -6.43
C PHE A 44 4.03 -0.15 -6.55
N PHE A 45 5.32 -0.14 -6.22
CA PHE A 45 6.15 -1.33 -6.36
C PHE A 45 6.13 -2.11 -5.06
N PHE A 46 5.70 -3.37 -5.13
CA PHE A 46 5.70 -4.19 -3.93
C PHE A 46 7.14 -4.44 -3.47
N GLY A 47 7.28 -4.66 -2.17
CA GLY A 47 8.59 -4.92 -1.57
C GLY A 47 9.34 -3.64 -1.25
N THR A 48 9.67 -2.87 -2.28
CA THR A 48 10.33 -1.59 -2.01
C THR A 48 9.35 -0.50 -1.57
N HIS A 49 8.07 -0.61 -1.96
CA HIS A 49 7.03 0.35 -1.62
C HIS A 49 7.31 1.74 -2.20
N GLU A 50 8.09 1.82 -3.26
CA GLU A 50 8.31 3.06 -4.00
C GLU A 50 7.19 3.26 -5.03
N THR A 51 6.89 4.53 -5.34
CA THR A 51 5.98 4.86 -6.42
C THR A 51 6.75 5.51 -7.57
N ALA A 52 6.43 5.11 -8.80
CA ALA A 52 6.88 5.80 -10.01
C ALA A 52 5.69 6.01 -10.92
N PHE A 53 5.82 6.96 -11.86
CA PHE A 53 4.80 7.23 -12.87
C PHE A 53 5.18 6.56 -14.18
N LEU A 54 4.36 5.61 -14.64
CA LEU A 54 4.66 4.80 -15.81
C LEU A 54 3.48 4.77 -16.75
N GLY A 55 3.77 4.61 -18.04
CA GLY A 55 2.74 4.39 -19.02
C GLY A 55 2.56 2.89 -19.27
N PRO A 56 1.48 2.53 -19.97
CA PRO A 56 1.19 1.11 -20.23
C PRO A 56 2.29 0.35 -20.94
N LYS A 57 3.18 1.02 -21.65
CA LYS A 57 4.26 0.29 -22.33
C LYS A 57 5.12 -0.50 -21.34
N ASP A 58 5.14 -0.07 -20.07
CA ASP A 58 5.97 -0.73 -19.07
C ASP A 58 5.18 -1.62 -18.12
N LEU A 59 3.90 -1.87 -18.41
CA LEU A 59 3.00 -2.54 -17.48
C LEU A 59 2.56 -3.87 -18.08
N PHE A 60 2.84 -4.95 -17.38
CA PHE A 60 2.51 -6.30 -17.84
C PHE A 60 1.50 -6.93 -16.90
N PRO A 61 0.40 -7.47 -17.39
CA PRO A 61 -0.61 -8.04 -16.49
C PRO A 61 -0.06 -9.16 -15.61
N TYR A 62 -0.38 -9.09 -14.32
CA TYR A 62 0.19 -10.01 -13.35
C TYR A 62 -0.20 -11.45 -13.65
N ASP A 63 -1.50 -11.71 -13.86
CA ASP A 63 -1.95 -13.08 -14.04
C ASP A 63 -1.36 -13.71 -15.30
N LYS A 64 -1.36 -12.97 -16.40
CA LYS A 64 -0.84 -13.50 -17.66
C LYS A 64 0.65 -13.75 -17.59
N CYS A 65 1.38 -12.98 -16.78
CA CYS A 65 2.83 -12.97 -16.90
C CYS A 65 3.56 -13.48 -15.65
N LYS A 66 2.83 -13.92 -14.61
CA LYS A 66 3.49 -14.36 -13.37
C LYS A 66 4.34 -15.61 -13.57
N ASP A 67 3.99 -16.49 -14.53
CA ASP A 67 4.87 -17.63 -14.77
C ASP A 67 6.23 -17.21 -15.28
N LYS A 68 6.29 -16.13 -16.07
CA LYS A 68 7.58 -15.67 -16.59
C LYS A 68 8.34 -14.83 -15.57
N TYR A 69 7.65 -13.90 -14.90
CA TYR A 69 8.30 -12.88 -14.11
C TYR A 69 8.21 -13.12 -12.60
N GLY A 70 7.36 -14.04 -12.15
CA GLY A 70 7.09 -14.21 -10.74
C GLY A 70 7.96 -15.26 -10.08
N LYS A 71 9.25 -15.15 -10.29
CA LYS A 71 10.20 -16.06 -9.69
C LYS A 71 11.13 -15.28 -8.78
N PRO A 72 11.69 -15.91 -7.75
CA PRO A 72 12.62 -15.19 -6.86
C PRO A 72 13.75 -14.52 -7.64
N ASN A 73 14.20 -13.39 -7.11
CA ASN A 73 15.21 -12.55 -7.74
C ASN A 73 16.09 -11.98 -6.64
N LYS A 74 17.36 -11.73 -6.96
CA LYS A 74 18.32 -11.31 -5.94
C LYS A 74 18.15 -9.87 -5.49
N ARG A 75 17.46 -9.04 -6.27
CA ARG A 75 17.38 -7.62 -5.96
C ARG A 75 16.63 -7.38 -4.65
N LYS A 76 17.08 -6.34 -3.93
CA LYS A 76 16.55 -6.06 -2.60
C LYS A 76 15.07 -5.75 -2.70
N GLY A 77 14.27 -6.43 -1.87
CA GLY A 77 12.85 -6.18 -1.83
C GLY A 77 12.04 -6.96 -2.83
N PHE A 78 12.67 -7.65 -3.79
CA PHE A 78 11.90 -8.35 -4.81
C PHE A 78 11.06 -9.48 -4.22
N ASN A 79 11.67 -10.31 -3.36
CA ASN A 79 10.95 -11.47 -2.86
C ASN A 79 9.90 -11.08 -1.82
N GLU A 80 10.16 -10.02 -1.04
CA GLU A 80 9.09 -9.46 -0.24
C GLU A 80 7.96 -9.00 -1.15
N GLY A 81 8.30 -8.33 -2.25
CA GLY A 81 7.27 -7.89 -3.19
C GLY A 81 6.51 -9.04 -3.83
N LEU A 82 7.18 -10.17 -4.09
CA LEU A 82 6.46 -11.33 -4.59
C LEU A 82 5.45 -11.82 -3.57
N TRP A 83 5.82 -11.80 -2.28
CA TRP A 83 4.87 -12.22 -1.26
C TRP A 83 3.67 -11.27 -1.20
N GLU A 84 3.94 -9.96 -1.23
CA GLU A 84 2.86 -8.96 -1.16
C GLU A 84 1.88 -9.11 -2.32
N ILE A 85 2.38 -9.25 -3.55
CA ILE A 85 1.44 -9.25 -4.68
C ILE A 85 0.57 -10.50 -4.67
N GLN A 86 1.07 -11.60 -4.12
CA GLN A 86 0.31 -12.84 -4.10
C GLN A 86 -0.64 -12.93 -2.90
N ASN A 87 -0.29 -12.30 -1.78
CA ASN A 87 -0.95 -12.58 -0.51
C ASN A 87 -1.69 -11.41 0.10
N ASN A 88 -1.30 -10.16 -0.18
CA ASN A 88 -2.11 -9.01 0.22
C ASN A 88 -1.81 -7.83 -0.70
N PRO A 89 -2.11 -7.97 -1.99
CA PRO A 89 -1.72 -6.91 -2.95
C PRO A 89 -2.48 -5.60 -2.79
N HIS A 90 -3.66 -5.58 -2.14
CA HIS A 90 -4.43 -4.36 -2.01
C HIS A 90 -4.35 -3.74 -0.61
N ALA A 91 -3.41 -4.16 0.23
CA ALA A 91 -3.34 -3.62 1.57
C ALA A 91 -2.75 -2.21 1.57
N SER A 92 -2.83 -1.55 2.73
CA SER A 92 -2.13 -0.27 2.93
C SER A 92 -0.68 -0.52 3.29
N TYR A 93 0.23 0.12 2.56
CA TYR A 93 1.66 -0.03 2.81
C TYR A 93 2.32 1.31 3.17
N MET B 2 -23.99 31.73 19.14
CA MET B 2 -23.37 33.06 19.19
C MET B 2 -22.61 33.31 17.90
N PRO B 3 -22.68 34.55 17.40
CA PRO B 3 -21.87 34.92 16.24
C PRO B 3 -20.39 34.81 16.57
N HIS B 4 -19.70 33.92 15.86
CA HIS B 4 -18.26 33.78 16.01
C HIS B 4 -17.55 34.65 14.97
N ALA B 5 -16.21 34.64 15.01
CA ALA B 5 -15.45 35.37 14.00
C ALA B 5 -15.74 34.83 12.60
N PHE B 6 -15.78 33.52 12.47
CA PHE B 6 -16.15 32.85 11.23
C PHE B 6 -17.60 32.41 11.34
N LYS B 7 -18.36 32.64 10.27
CA LYS B 7 -19.75 32.22 10.24
C LYS B 7 -19.97 31.26 9.09
N PRO B 8 -20.96 30.37 9.20
CA PRO B 8 -21.19 29.38 8.14
C PRO B 8 -21.38 30.05 6.78
N GLY B 9 -20.71 29.50 5.78
CA GLY B 9 -20.69 30.10 4.46
C GLY B 9 -19.50 30.98 4.19
N ASP B 10 -18.71 31.31 5.22
CA ASP B 10 -17.48 32.05 4.96
C ASP B 10 -16.53 31.22 4.10
N LEU B 11 -15.90 31.88 3.13
CA LEU B 11 -15.03 31.24 2.16
C LEU B 11 -13.59 31.47 2.62
N VAL B 12 -12.79 30.40 2.61
CA VAL B 12 -11.43 30.44 3.19
C VAL B 12 -10.48 29.60 2.36
N PHE B 13 -9.18 29.76 2.63
CA PHE B 13 -8.21 28.71 2.38
C PHE B 13 -7.92 28.06 3.72
N ALA B 14 -8.02 26.74 3.77
CA ALA B 14 -7.82 25.96 4.99
C ALA B 14 -6.52 25.19 4.86
N LYS B 15 -5.65 25.30 5.87
CA LYS B 15 -4.33 24.71 5.82
C LYS B 15 -4.28 23.46 6.68
N MET B 16 -3.87 22.34 6.08
CA MET B 16 -3.61 21.11 6.79
C MET B 16 -2.21 20.62 6.47
N LYS B 17 -1.56 20.01 7.46
CA LYS B 17 -0.18 19.56 7.28
C LYS B 17 -0.11 18.58 6.12
N GLY B 18 0.86 18.81 5.23
CA GLY B 18 1.00 17.95 4.06
C GLY B 18 0.24 18.37 2.84
N TYR B 19 -0.55 19.45 2.91
CA TYR B 19 -1.37 19.96 1.81
C TYR B 19 -1.21 21.47 1.70
N PRO B 20 -1.20 22.00 0.49
CA PRO B 20 -1.24 23.47 0.33
C PRO B 20 -2.54 24.03 0.89
N HIS B 21 -2.49 25.32 1.24
CA HIS B 21 -3.70 26.06 1.60
C HIS B 21 -4.79 25.77 0.58
N TRP B 22 -5.94 25.32 1.06
CA TRP B 22 -6.91 24.64 0.20
C TRP B 22 -8.23 25.41 0.20
N PRO B 23 -8.81 25.68 -0.97
CA PRO B 23 -10.11 26.38 -1.03
C PRO B 23 -11.16 25.61 -0.25
N ALA B 24 -11.86 26.31 0.63
CA ALA B 24 -12.76 25.64 1.56
C ALA B 24 -13.85 26.62 2.01
N ARG B 25 -14.82 26.09 2.76
CA ARG B 25 -15.83 26.93 3.39
C ARG B 25 -16.08 26.47 4.82
N ILE B 26 -16.55 27.42 5.63
CA ILE B 26 -17.10 27.11 6.95
C ILE B 26 -18.50 26.54 6.73
N ASP B 27 -18.70 25.30 7.16
CA ASP B 27 -20.01 24.68 7.16
C ASP B 27 -20.79 25.06 8.42
N ASP B 28 -22.08 24.73 8.41
CA ASP B 28 -22.86 24.81 9.64
C ASP B 28 -22.74 23.51 10.41
N ILE B 29 -23.15 23.57 11.68
CA ILE B 29 -22.94 22.43 12.58
C ILE B 29 -24.06 21.42 12.45
N ALA B 30 -25.30 21.87 12.32
CA ALA B 30 -26.47 20.98 12.21
C ALA B 30 -26.56 19.99 13.38
N LYS B 35 -20.66 17.93 17.32
CA LYS B 35 -20.09 19.26 17.48
C LYS B 35 -18.56 19.22 17.37
N PRO B 36 -17.96 20.32 16.92
CA PRO B 36 -16.49 20.39 16.83
C PRO B 36 -15.87 20.62 18.20
N PRO B 37 -14.59 20.28 18.38
CA PRO B 37 -13.89 20.67 19.59
C PRO B 37 -13.93 22.18 19.74
N PRO B 38 -13.83 22.70 20.96
CA PRO B 38 -13.85 24.15 21.14
C PRO B 38 -12.70 24.80 20.39
N ASN B 39 -12.92 26.05 19.97
CA ASN B 39 -12.02 26.83 19.13
C ASN B 39 -11.92 26.31 17.70
N LYS B 40 -12.73 25.34 17.31
CA LYS B 40 -12.63 24.76 15.98
C LYS B 40 -13.96 24.83 15.26
N TYR B 41 -13.88 24.78 13.93
CA TYR B 41 -15.01 24.93 13.02
C TYR B 41 -15.09 23.73 12.10
N PRO B 42 -16.31 23.35 11.68
CA PRO B 42 -16.42 22.34 10.62
C PRO B 42 -16.03 22.94 9.27
N ILE B 43 -15.02 22.35 8.64
CA ILE B 43 -14.51 22.82 7.35
C ILE B 43 -14.90 21.84 6.25
N PHE B 44 -15.36 22.38 5.11
CA PHE B 44 -15.63 21.60 3.91
C PHE B 44 -14.65 22.01 2.82
N PHE B 45 -13.88 21.04 2.32
CA PHE B 45 -12.84 21.32 1.32
C PHE B 45 -13.43 21.18 -0.08
N PHE B 46 -13.31 22.24 -0.88
CA PHE B 46 -13.77 22.17 -2.25
C PHE B 46 -12.90 21.22 -3.07
N GLY B 47 -13.47 20.74 -4.16
CA GLY B 47 -12.77 19.78 -5.02
C GLY B 47 -12.81 18.39 -4.45
N THR B 48 -12.18 18.18 -3.29
CA THR B 48 -12.16 16.85 -2.68
C THR B 48 -13.45 16.57 -1.93
N HIS B 49 -14.16 17.61 -1.51
CA HIS B 49 -15.36 17.50 -0.69
C HIS B 49 -15.12 16.77 0.62
N GLU B 50 -13.86 16.69 1.07
CA GLU B 50 -13.58 16.21 2.41
C GLU B 50 -14.00 17.25 3.45
N THR B 51 -14.06 16.81 4.70
CA THR B 51 -14.37 17.65 5.85
C THR B 51 -13.37 17.43 6.96
N ALA B 52 -13.19 18.45 7.80
CA ALA B 52 -12.32 18.38 8.96
C ALA B 52 -12.71 19.49 9.93
N PHE B 53 -12.25 19.35 11.17
CA PHE B 53 -12.36 20.39 12.19
C PHE B 53 -11.03 21.13 12.27
N LEU B 54 -11.05 22.43 12.06
CA LEU B 54 -9.84 23.24 12.14
C LEU B 54 -10.10 24.51 12.93
N GLY B 55 -9.04 25.02 13.57
CA GLY B 55 -9.09 26.28 14.28
C GLY B 55 -8.66 27.46 13.43
N PRO B 56 -8.93 28.67 13.93
CA PRO B 56 -8.65 29.88 13.14
C PRO B 56 -7.21 30.03 12.68
N LYS B 57 -6.23 29.47 13.39
CA LYS B 57 -4.85 29.63 12.93
C LYS B 57 -4.63 29.03 11.54
N ASP B 58 -5.47 28.08 11.12
CA ASP B 58 -5.33 27.44 9.82
C ASP B 58 -6.36 27.94 8.81
N LEU B 59 -7.05 29.04 9.08
CA LEU B 59 -8.15 29.51 8.24
C LEU B 59 -7.84 30.91 7.75
N PHE B 60 -7.75 31.06 6.43
CA PHE B 60 -7.36 32.31 5.79
C PHE B 60 -8.51 32.82 4.91
N PRO B 61 -8.86 34.10 4.97
CA PRO B 61 -10.00 34.57 4.14
C PRO B 61 -9.72 34.40 2.65
N TYR B 62 -10.73 33.89 1.92
CA TYR B 62 -10.50 33.56 0.53
C TYR B 62 -10.20 34.81 -0.30
N ASP B 63 -11.03 35.85 -0.16
CA ASP B 63 -10.87 37.00 -1.05
C ASP B 63 -9.59 37.74 -0.74
N LYS B 64 -9.25 37.85 0.55
CA LYS B 64 -8.00 38.52 0.94
C LYS B 64 -6.79 37.79 0.39
N CYS B 65 -6.82 36.46 0.40
CA CYS B 65 -5.57 35.72 0.21
C CYS B 65 -5.54 34.85 -1.04
N LYS B 66 -6.54 34.95 -1.93
CA LYS B 66 -6.55 34.10 -3.12
C LYS B 66 -5.43 34.46 -4.08
N ASP B 67 -5.01 35.73 -4.13
CA ASP B 67 -3.84 36.10 -4.91
C ASP B 67 -2.65 35.22 -4.56
N LYS B 68 -2.52 34.86 -3.28
CA LYS B 68 -1.38 34.10 -2.79
C LYS B 68 -1.59 32.59 -2.89
N TYR B 69 -2.74 32.10 -2.45
CA TYR B 69 -2.99 30.66 -2.31
C TYR B 69 -3.76 30.07 -3.47
N GLY B 70 -4.26 30.90 -4.39
CA GLY B 70 -5.19 30.42 -5.38
C GLY B 70 -4.58 29.93 -6.69
N LYS B 71 -3.29 29.62 -6.67
CA LYS B 71 -2.73 29.27 -7.97
C LYS B 71 -2.75 27.76 -8.15
N PRO B 72 -3.04 27.30 -9.38
CA PRO B 72 -3.21 25.86 -9.59
C PRO B 72 -1.94 25.09 -9.27
N ASN B 73 -2.14 23.82 -8.96
CA ASN B 73 -1.04 22.90 -8.72
C ASN B 73 -1.47 21.53 -9.20
N LYS B 74 -0.67 20.53 -8.86
CA LYS B 74 -0.81 19.15 -9.31
C LYS B 74 -1.53 18.27 -8.30
N ARG B 75 -2.00 18.83 -7.19
CA ARG B 75 -2.69 18.02 -6.19
C ARG B 75 -4.10 17.68 -6.66
N LYS B 76 -4.51 16.44 -6.42
CA LYS B 76 -5.80 15.96 -6.88
C LYS B 76 -6.95 16.68 -6.17
N GLY B 77 -7.86 17.23 -6.98
CA GLY B 77 -9.02 17.95 -6.46
C GLY B 77 -8.81 19.43 -6.33
N PHE B 78 -7.59 19.93 -6.50
CA PHE B 78 -7.32 21.34 -6.22
C PHE B 78 -7.94 22.26 -7.27
N ASN B 79 -7.68 22.00 -8.54
CA ASN B 79 -8.22 22.91 -9.54
C ASN B 79 -9.73 22.80 -9.61
N GLU B 80 -10.28 21.63 -9.33
CA GLU B 80 -11.74 21.53 -9.22
C GLU B 80 -12.23 22.34 -8.02
N GLY B 81 -11.46 22.34 -6.92
CA GLY B 81 -11.85 23.13 -5.76
C GLY B 81 -11.78 24.63 -6.02
N LEU B 82 -10.79 25.07 -6.80
CA LEU B 82 -10.76 26.47 -7.21
C LEU B 82 -12.00 26.83 -8.03
N TRP B 83 -12.42 25.94 -8.93
CA TRP B 83 -13.64 26.21 -9.70
C TRP B 83 -14.84 26.34 -8.79
N GLU B 84 -15.00 25.40 -7.86
CA GLU B 84 -16.16 25.37 -6.98
C GLU B 84 -16.26 26.62 -6.11
N ILE B 85 -15.16 27.02 -5.48
CA ILE B 85 -15.25 28.17 -4.57
C ILE B 85 -15.56 29.44 -5.36
N GLN B 86 -15.15 29.51 -6.62
CA GLN B 86 -15.41 30.68 -7.46
C GLN B 86 -16.83 30.68 -8.02
N ASN B 87 -17.30 29.52 -8.44
CA ASN B 87 -18.52 29.44 -9.26
C ASN B 87 -19.76 28.99 -8.51
N ASN B 88 -19.64 28.14 -7.50
CA ASN B 88 -20.80 27.76 -6.67
C ASN B 88 -20.34 27.36 -5.29
N PRO B 89 -19.81 28.32 -4.51
CA PRO B 89 -19.28 27.98 -3.18
C PRO B 89 -20.31 27.48 -2.19
N HIS B 90 -21.61 27.81 -2.35
CA HIS B 90 -22.58 27.45 -1.31
C HIS B 90 -23.48 26.30 -1.71
N ALA B 91 -23.17 25.63 -2.82
CA ALA B 91 -23.97 24.52 -3.29
C ALA B 91 -23.88 23.32 -2.34
N SER B 92 -24.87 22.44 -2.44
CA SER B 92 -24.74 21.13 -1.82
C SER B 92 -23.87 20.26 -2.72
N TYR B 93 -22.85 19.64 -2.12
CA TYR B 93 -21.96 18.72 -2.80
C TYR B 93 -22.10 17.29 -2.29
N SER B 94 -22.87 17.09 -1.21
CA SER B 94 -23.23 15.77 -0.72
C SER B 94 -24.28 15.13 -1.63
N HIS C 4 -0.21 -34.17 15.92
CA HIS C 4 -0.31 -34.81 14.61
C HIS C 4 1.09 -35.04 14.02
N ALA C 5 1.63 -36.24 14.25
CA ALA C 5 2.98 -36.54 13.79
C ALA C 5 3.07 -36.40 12.27
N PHE C 6 4.13 -35.76 11.81
CA PHE C 6 4.30 -35.42 10.41
C PHE C 6 5.09 -36.51 9.68
N LYS C 7 4.91 -36.56 8.36
CA LYS C 7 5.61 -37.48 7.47
C LYS C 7 6.42 -36.70 6.44
N PRO C 8 7.50 -37.32 5.88
CA PRO C 8 8.34 -36.59 4.91
C PRO C 8 7.53 -35.94 3.79
N GLY C 9 7.70 -34.63 3.59
CA GLY C 9 6.94 -33.88 2.62
C GLY C 9 5.96 -32.88 3.21
N ASP C 10 5.53 -33.07 4.45
CA ASP C 10 4.58 -32.15 5.07
C ASP C 10 5.20 -30.78 5.27
N LEU C 11 4.39 -29.74 5.11
CA LEU C 11 4.82 -28.35 5.16
C LEU C 11 4.48 -27.73 6.51
N VAL C 12 5.45 -27.03 7.11
CA VAL C 12 5.29 -26.43 8.44
C VAL C 12 5.99 -25.07 8.48
N PHE C 13 5.76 -24.36 9.58
CA PHE C 13 6.72 -23.39 10.08
C PHE C 13 7.50 -24.07 11.19
N ALA C 14 8.83 -23.94 11.15
CA ALA C 14 9.70 -24.59 12.12
C ALA C 14 10.43 -23.52 12.91
N LYS C 15 10.45 -23.66 14.22
CA LYS C 15 11.05 -22.64 15.09
C LYS C 15 12.35 -23.18 15.67
N MET C 16 13.47 -22.58 15.28
CA MET C 16 14.74 -22.86 15.92
C MET C 16 15.16 -21.65 16.75
N LYS C 17 15.86 -21.94 17.84
CA LYS C 17 16.34 -20.85 18.69
C LYS C 17 17.22 -19.90 17.87
N GLY C 18 16.94 -18.60 18.00
CA GLY C 18 17.66 -17.55 17.31
C GLY C 18 17.08 -17.16 15.97
N TYR C 19 15.97 -17.76 15.55
CA TYR C 19 15.35 -17.49 14.26
C TYR C 19 13.84 -17.38 14.41
N PRO C 20 13.18 -16.63 13.52
CA PRO C 20 11.72 -16.57 13.54
C PRO C 20 11.13 -17.86 12.98
N HIS C 21 9.82 -18.04 13.19
CA HIS C 21 9.15 -19.22 12.67
C HIS C 21 9.36 -19.27 11.15
N TRP C 22 9.89 -20.39 10.66
CA TRP C 22 10.49 -20.42 9.33
C TRP C 22 9.75 -21.40 8.43
N PRO C 23 9.40 -21.02 7.19
CA PRO C 23 8.72 -21.97 6.30
C PRO C 23 9.59 -23.18 6.05
N ALA C 24 9.04 -24.36 6.31
CA ALA C 24 9.84 -25.58 6.26
C ALA C 24 8.97 -26.76 5.86
N ARG C 25 9.62 -27.89 5.65
CA ARG C 25 8.94 -29.16 5.43
C ARG C 25 9.77 -30.29 6.02
N ILE C 26 9.09 -31.42 6.24
CA ILE C 26 9.72 -32.62 6.76
C ILE C 26 10.56 -33.28 5.66
N ASP C 27 11.82 -33.56 5.98
CA ASP C 27 12.72 -34.24 5.05
C ASP C 27 12.54 -35.76 5.11
N PRO C 36 19.11 -39.60 13.51
CA PRO C 36 17.94 -38.84 13.96
C PRO C 36 17.74 -38.94 15.47
N PRO C 37 18.04 -37.87 16.20
CA PRO C 37 17.92 -37.91 17.66
C PRO C 37 16.51 -38.30 18.07
N PRO C 38 16.35 -38.85 19.28
CA PRO C 38 15.04 -39.34 19.70
C PRO C 38 13.96 -38.26 19.64
N ASN C 39 12.81 -38.64 19.08
CA ASN C 39 11.63 -37.78 18.96
C ASN C 39 11.88 -36.54 18.10
N LYS C 40 12.91 -36.56 17.27
CA LYS C 40 13.26 -35.43 16.42
C LYS C 40 12.98 -35.76 14.97
N TYR C 41 12.28 -34.80 14.26
CA TYR C 41 12.01 -34.86 12.82
C TYR C 41 13.16 -34.24 12.03
N PRO C 42 13.43 -34.75 10.83
CA PRO C 42 14.35 -34.06 9.91
C PRO C 42 13.61 -32.91 9.24
N ILE C 43 14.18 -31.71 9.30
CA ILE C 43 13.52 -30.51 8.82
C ILE C 43 14.36 -29.90 7.71
N PHE C 44 13.70 -29.57 6.59
CA PHE C 44 14.27 -28.83 5.50
C PHE C 44 13.67 -27.42 5.52
N PHE C 45 14.53 -26.41 5.59
CA PHE C 45 14.08 -25.03 5.68
C PHE C 45 14.01 -24.43 4.28
N PHE C 46 12.82 -24.01 3.86
CA PHE C 46 12.71 -23.35 2.57
C PHE C 46 13.57 -22.09 2.53
N GLY C 47 13.98 -21.71 1.33
CA GLY C 47 14.79 -20.52 1.17
C GLY C 47 16.26 -20.76 1.39
N THR C 48 16.68 -20.88 2.65
CA THR C 48 18.09 -21.14 2.93
C THR C 48 18.50 -22.54 2.53
N HIS C 49 17.55 -23.48 2.54
CA HIS C 49 17.71 -24.87 2.15
C HIS C 49 18.57 -25.68 3.11
N GLU C 50 18.82 -25.16 4.31
CA GLU C 50 19.58 -25.90 5.31
C GLU C 50 18.69 -26.97 5.96
N THR C 51 19.32 -27.81 6.79
CA THR C 51 18.62 -28.88 7.46
C THR C 51 18.94 -28.82 8.95
N ALA C 52 18.07 -29.45 9.74
CA ALA C 52 18.17 -29.48 11.19
C ALA C 52 17.19 -30.53 11.70
N PHE C 53 17.39 -30.93 12.96
CA PHE C 53 16.51 -31.89 13.63
C PHE C 53 15.71 -31.15 14.69
N LEU C 54 14.39 -31.21 14.57
CA LEU C 54 13.51 -30.51 15.49
C LEU C 54 12.48 -31.47 16.06
N GLY C 55 11.97 -31.12 17.23
CA GLY C 55 10.94 -31.87 17.89
C GLY C 55 9.57 -31.27 17.68
N PRO C 56 8.54 -32.00 18.14
CA PRO C 56 7.15 -31.57 17.91
C PRO C 56 6.83 -30.15 18.34
N LYS C 57 7.28 -29.73 19.53
CA LYS C 57 6.84 -28.42 20.02
C LYS C 57 7.44 -27.27 19.25
N ASP C 58 8.34 -27.54 18.29
CA ASP C 58 8.91 -26.49 17.45
C ASP C 58 8.29 -26.46 16.07
N LEU C 59 7.22 -27.21 15.83
CA LEU C 59 6.62 -27.33 14.51
C LEU C 59 5.17 -26.87 14.55
N PHE C 60 4.76 -26.20 13.49
CA PHE C 60 3.42 -25.65 13.31
C PHE C 60 3.01 -25.89 11.86
N PRO C 61 1.91 -26.60 11.61
CA PRO C 61 1.56 -26.93 10.22
C PRO C 61 1.28 -25.67 9.40
N TYR C 62 1.70 -25.71 8.14
CA TYR C 62 1.72 -24.54 7.27
C TYR C 62 0.32 -23.97 7.02
N ASP C 63 -0.52 -24.74 6.33
CA ASP C 63 -1.86 -24.25 5.98
C ASP C 63 -2.68 -23.90 7.21
N LYS C 64 -2.46 -24.58 8.32
CA LYS C 64 -3.23 -24.31 9.52
C LYS C 64 -2.74 -23.04 10.24
N CYS C 65 -1.46 -22.67 10.11
CA CYS C 65 -0.89 -21.56 10.86
C CYS C 65 -0.27 -20.46 10.00
N LYS C 66 -0.29 -20.58 8.67
CA LYS C 66 0.35 -19.60 7.80
C LYS C 66 -0.16 -18.19 8.03
N ASP C 67 -1.39 -18.04 8.54
CA ASP C 67 -1.94 -16.69 8.69
C ASP C 67 -1.21 -15.87 9.73
N LYS C 68 -0.48 -16.50 10.66
CA LYS C 68 0.30 -15.74 11.62
C LYS C 68 1.80 -15.72 11.28
N TYR C 69 2.37 -16.86 10.92
CA TYR C 69 3.80 -16.90 10.67
C TYR C 69 4.16 -16.64 9.21
N GLY C 70 3.20 -16.78 8.29
CA GLY C 70 3.47 -16.51 6.90
C GLY C 70 3.45 -15.03 6.60
N LYS C 71 4.49 -14.33 7.03
CA LYS C 71 4.58 -12.90 6.86
C LYS C 71 6.04 -12.58 6.57
N PRO C 72 6.32 -11.64 5.67
CA PRO C 72 7.72 -11.34 5.35
C PRO C 72 8.50 -10.86 6.55
N ASN C 73 9.80 -11.07 6.48
CA ASN C 73 10.75 -10.38 7.36
C ASN C 73 12.08 -10.39 6.64
N LYS C 74 13.05 -9.70 7.24
CA LYS C 74 14.26 -9.34 6.53
C LYS C 74 15.37 -10.37 6.68
N ARG C 75 15.18 -11.37 7.55
CA ARG C 75 16.22 -12.35 7.80
C ARG C 75 16.58 -13.08 6.51
N LYS C 76 17.86 -13.41 6.37
CA LYS C 76 18.37 -13.90 5.10
C LYS C 76 17.66 -15.16 4.66
N GLY C 77 17.21 -15.17 3.40
CA GLY C 77 16.57 -16.33 2.82
C GLY C 77 15.11 -16.50 3.17
N PHE C 78 14.59 -15.71 4.10
CA PHE C 78 13.24 -15.96 4.60
C PHE C 78 12.21 -15.75 3.50
N ASN C 79 12.31 -14.63 2.78
CA ASN C 79 11.26 -14.31 1.82
C ASN C 79 11.31 -15.23 0.60
N GLU C 80 12.49 -15.66 0.18
CA GLU C 80 12.54 -16.70 -0.84
C GLU C 80 11.91 -17.99 -0.32
N GLY C 81 12.12 -18.31 0.97
CA GLY C 81 11.46 -19.47 1.55
C GLY C 81 9.95 -19.37 1.54
N LEU C 82 9.43 -18.17 1.82
CA LEU C 82 7.99 -17.95 1.73
C LEU C 82 7.49 -18.22 0.32
N TRP C 83 8.27 -17.86 -0.70
CA TRP C 83 7.83 -18.11 -2.07
C TRP C 83 7.80 -19.61 -2.35
N GLU C 84 8.82 -20.33 -1.89
CA GLU C 84 8.90 -21.76 -2.15
C GLU C 84 7.75 -22.52 -1.50
N ILE C 85 7.47 -22.25 -0.22
CA ILE C 85 6.46 -23.02 0.49
C ILE C 85 5.08 -22.84 -0.14
N GLN C 86 4.80 -21.67 -0.69
CA GLN C 86 3.52 -21.41 -1.32
C GLN C 86 3.45 -21.91 -2.75
N ASN C 87 4.57 -21.83 -3.49
CA ASN C 87 4.54 -22.05 -4.93
C ASN C 87 5.20 -23.33 -5.40
N ASN C 88 6.29 -23.78 -4.75
CA ASN C 88 7.00 -24.98 -5.16
C ASN C 88 7.44 -25.76 -3.92
N PRO C 89 6.48 -26.30 -3.15
CA PRO C 89 6.81 -26.85 -1.84
C PRO C 89 7.40 -28.25 -1.86
N HIS C 90 7.13 -29.05 -2.89
CA HIS C 90 7.57 -30.44 -2.91
C HIS C 90 8.63 -30.70 -3.99
N ALA C 91 9.25 -29.65 -4.53
CA ALA C 91 10.45 -29.85 -5.33
C ALA C 91 11.48 -30.58 -4.49
N SER C 92 12.17 -31.54 -5.10
CA SER C 92 13.18 -32.28 -4.35
C SER C 92 14.27 -31.37 -3.80
N TYR C 93 14.45 -30.18 -4.38
CA TYR C 93 15.44 -29.19 -3.95
C TYR C 93 16.82 -29.81 -3.69
BR4 BYZ D . 11.74 -1.56 -10.00
C4 BYZ D . 11.50 -0.67 -8.36
C5 BYZ D . 11.09 -1.19 -7.14
N1 BYZ D . 11.05 -0.24 -6.22
N2 BYZ D . 11.44 0.89 -6.85
C3 BYZ D . 11.71 0.67 -8.14
S SO4 E . 13.82 -9.43 -0.39
O1 SO4 E . 14.88 -8.41 -0.07
O2 SO4 E . 12.50 -8.75 -0.33
O3 SO4 E . 14.12 -10.05 -1.73
O4 SO4 E . 13.79 -10.52 0.63
S SO4 F . 19.98 -4.04 -5.06
O1 SO4 F . 20.03 -3.33 -3.74
O2 SO4 F . 18.61 -4.60 -5.30
O3 SO4 F . 20.31 -3.06 -6.15
O4 SO4 F . 20.97 -5.17 -5.08
S SO4 G . 17.50 -3.46 -18.86
O1 SO4 G . 16.87 -2.19 -19.37
O2 SO4 G . 16.68 -4.64 -19.29
O3 SO4 G . 18.90 -3.57 -19.38
O4 SO4 G . 17.55 -3.46 -17.36
S SO4 H . -8.17 18.47 -10.37
O1 SO4 H . -9.11 19.11 -9.38
O2 SO4 H . -7.00 19.40 -10.57
O3 SO4 H . -7.69 17.14 -9.85
O4 SO4 H . -8.85 18.26 -11.68
S SO4 I . 3.57 21.26 4.91
O1 SO4 I . 2.86 20.80 6.14
O2 SO4 I . 3.09 22.61 4.45
O3 SO4 I . 5.05 21.36 5.19
O4 SO4 I . 3.33 20.25 3.83
S DMS J . -8.14 18.61 0.98
O DMS J . -9.08 17.55 1.50
C1 DMS J . -6.82 17.60 0.28
C2 DMS J . -7.15 19.25 2.35
BR4 BYZ K . 15.80 -21.58 11.04
C4 BYZ K . 16.79 -21.74 9.45
C5 BYZ K . 16.98 -20.79 8.45
N1 BYZ K . 17.76 -21.28 7.49
N2 BYZ K . 18.07 -22.53 7.89
C3 BYZ K . 17.51 -22.84 9.06
S SO4 L . 15.81 -29.18 19.99
O1 SO4 L . 16.17 -27.73 19.82
O2 SO4 L . 14.42 -29.49 19.49
O3 SO4 L . 16.79 -30.04 19.23
O4 SO4 L . 15.88 -29.51 21.46
S SO4 M . 20.25 -13.76 9.77
O1 SO4 M . 21.07 -12.79 10.57
O2 SO4 M . 18.85 -13.23 9.64
O3 SO4 M . 20.87 -13.94 8.42
O4 SO4 M . 20.20 -15.09 10.47
S SO4 N . 12.26 -17.58 21.76
O1 SO4 N . 12.01 -17.13 23.16
O2 SO4 N . 13.70 -17.98 21.65
O3 SO4 N . 11.40 -18.77 21.40
O4 SO4 N . 11.97 -16.43 20.83
#